data_1WDS
#
_entry.id   1WDS
#
_cell.length_a   84.615
_cell.length_b   84.615
_cell.length_c   143.109
_cell.angle_alpha   90.00
_cell.angle_beta   90.00
_cell.angle_gamma   120.00
#
_symmetry.space_group_name_H-M   'P 31 2 1'
#
loop_
_entity.id
_entity.type
_entity.pdbx_description
1 polymer Beta-amylase
2 branched alpha-D-glucopyranose-(1-4)-beta-D-glucopyranose
3 non-polymer alpha-D-glucopyranose
4 non-polymer 'SULFATE ION'
5 water water
#
_entity_poly.entity_id   1
_entity_poly.type   'polypeptide(L)'
_entity_poly.pdbx_seq_one_letter_code
;ATSDSNMLLNYVPVYVMLPLGVVNVDNVFEDPDGLKEQLLQLRAAGVDGVMVDVWWGIIELKGPKQYDWRAYRSLLQLVQ
ECGLTLQAIMSFHQCGGNVGDIVNIPIPQWVLDIGESNHDIFYTNRSGTRNKEYLTVGVDNEPIFHGRTAIEIYSDYMKS
FRENMSDFLESGLIIDIEVGLGPAGELRYPSYPQSQGWEFPGIGEFQCYDKYLKADFKAAVARAGHPEWELPDDAGKYND
VPESTGFFKSNGTYVTEKGKFFLTWYSNKLLNHGDQILDEANKAFLGCKVKLAIKVSGIHWWYKVENHAAELTAGYYNLN
DRDGYRPIARMLSRHHAILNFACLEMRDSEQPSDAKSGPQELVQQVLSGGWREDIRVAGENALPRYDATAYNQIILNARP
QGVNNNGPPKLSMFGVTYLRLSDDLLQKSNFNIFKKFVLKMHADQDYCANPQKYNHAITPLKPSAPKIPIEVLLEATKPT
LPFPWLPETDMKVDG
;
_entity_poly.pdbx_strand_id   A
#
loop_
_chem_comp.id
_chem_comp.type
_chem_comp.name
_chem_comp.formula
BGC D-saccharide, beta linking beta-D-glucopyranose 'C6 H12 O6'
GLC D-saccharide, alpha linking alpha-D-glucopyranose 'C6 H12 O6'
SO4 non-polymer 'SULFATE ION' 'O4 S -2'
#
# COMPACT_ATOMS: atom_id res chain seq x y z
N ASP A 4 -17.28 -4.15 29.06
CA ASP A 4 -16.13 -4.62 28.26
C ASP A 4 -16.59 -5.33 26.99
N SER A 5 -17.62 -6.17 27.13
CA SER A 5 -18.17 -6.91 26.00
C SER A 5 -18.40 -6.04 24.77
N ASN A 6 -19.27 -5.04 24.89
CA ASN A 6 -19.56 -4.14 23.78
C ASN A 6 -18.32 -3.38 23.35
N MET A 7 -17.45 -3.09 24.31
CA MET A 7 -16.22 -2.37 24.00
C MET A 7 -15.29 -3.23 23.16
N LEU A 8 -15.29 -4.53 23.41
CA LEU A 8 -14.42 -5.44 22.66
C LEU A 8 -14.80 -5.48 21.19
N LEU A 9 -16.08 -5.27 20.89
CA LEU A 9 -16.52 -5.27 19.50
C LEU A 9 -16.04 -4.00 18.79
N ASN A 10 -15.46 -3.08 19.55
CA ASN A 10 -14.93 -1.82 19.03
C ASN A 10 -13.42 -1.89 18.87
N TYR A 11 -12.85 -3.03 19.25
CA TYR A 11 -11.43 -3.30 19.19
C TYR A 11 -10.86 -3.25 17.78
N VAL A 12 -9.84 -2.42 17.57
CA VAL A 12 -9.19 -2.33 16.26
C VAL A 12 -7.76 -2.79 16.52
N PRO A 13 -7.35 -3.89 15.88
CA PRO A 13 -6.00 -4.41 16.07
C PRO A 13 -4.88 -3.48 15.62
N VAL A 14 -3.76 -3.56 16.33
CA VAL A 14 -2.59 -2.76 16.05
C VAL A 14 -1.40 -3.64 15.73
N TYR A 15 -0.73 -3.32 14.64
CA TYR A 15 0.45 -4.07 14.22
C TYR A 15 1.60 -3.09 14.13
N VAL A 16 2.82 -3.62 14.20
CA VAL A 16 4.00 -2.78 14.12
C VAL A 16 4.94 -3.33 13.06
N MET A 17 5.41 -2.44 12.19
CA MET A 17 6.33 -2.84 11.13
C MET A 17 7.70 -3.15 11.73
N LEU A 18 8.32 -4.23 11.26
CA LEU A 18 9.64 -4.59 11.74
C LEU A 18 10.65 -3.70 11.05
N PRO A 19 11.87 -3.63 11.60
CA PRO A 19 12.92 -2.79 11.00
C PRO A 19 13.25 -3.29 9.60
N LEU A 20 13.57 -2.35 8.71
CA LEU A 20 13.94 -2.73 7.36
C LEU A 20 15.27 -3.45 7.47
N GLY A 21 15.42 -4.56 6.76
CA GLY A 21 16.66 -5.30 6.81
C GLY A 21 16.79 -6.32 7.93
N VAL A 22 15.70 -6.61 8.64
CA VAL A 22 15.75 -7.61 9.71
C VAL A 22 16.42 -8.86 9.15
N VAL A 23 16.16 -9.13 7.86
CA VAL A 23 16.81 -10.22 7.15
C VAL A 23 17.61 -9.42 6.13
N ASN A 24 18.95 -9.48 6.21
CA ASN A 24 19.76 -8.70 5.30
C ASN A 24 19.76 -9.17 3.86
N VAL A 25 20.39 -8.36 2.99
CA VAL A 25 20.44 -8.66 1.57
C VAL A 25 21.10 -10.00 1.23
N ASP A 26 21.89 -10.52 2.17
CA ASP A 26 22.55 -11.81 1.96
C ASP A 26 21.67 -12.94 2.45
N ASN A 27 20.43 -12.60 2.79
CA ASN A 27 19.45 -13.58 3.28
C ASN A 27 19.88 -14.19 4.61
N VAL A 28 20.28 -13.32 5.53
CA VAL A 28 20.70 -13.75 6.87
C VAL A 28 19.89 -12.98 7.92
N PHE A 29 19.32 -13.72 8.86
CA PHE A 29 18.55 -13.11 9.94
C PHE A 29 19.64 -12.66 10.93
N GLU A 30 20.13 -11.45 10.71
CA GLU A 30 21.22 -10.86 11.48
C GLU A 30 21.18 -10.85 13.00
N ASP A 31 20.14 -10.25 13.57
CA ASP A 31 20.08 -10.14 15.01
C ASP A 31 18.80 -10.65 15.67
N PRO A 32 18.64 -11.97 15.77
CA PRO A 32 17.44 -12.55 16.39
C PRO A 32 17.31 -12.22 17.88
N ASP A 33 18.42 -12.20 18.60
CA ASP A 33 18.39 -11.90 20.02
C ASP A 33 17.91 -10.47 20.25
N GLY A 34 18.44 -9.55 19.46
CA GLY A 34 18.04 -8.16 19.59
C GLY A 34 16.57 -7.99 19.25
N LEU A 35 16.15 -8.60 18.14
CA LEU A 35 14.77 -8.49 17.71
C LEU A 35 13.84 -9.09 18.75
N LYS A 36 14.21 -10.25 19.27
CA LYS A 36 13.40 -10.93 20.28
C LYS A 36 13.06 -10.01 21.44
N GLU A 37 14.07 -9.32 21.99
CA GLU A 37 13.83 -8.43 23.10
C GLU A 37 12.81 -7.35 22.73
N GLN A 38 12.89 -6.86 21.50
CA GLN A 38 11.96 -5.84 21.04
C GLN A 38 10.55 -6.39 20.90
N LEU A 39 10.44 -7.56 20.27
CA LEU A 39 9.14 -8.18 20.08
C LEU A 39 8.48 -8.48 21.41
N LEU A 40 9.27 -8.93 22.38
CA LEU A 40 8.70 -9.22 23.70
C LEU A 40 8.15 -7.95 24.34
N GLN A 41 8.78 -6.81 24.05
CA GLN A 41 8.27 -5.56 24.60
C GLN A 41 6.95 -5.22 23.91
N LEU A 42 6.86 -5.52 22.62
CA LEU A 42 5.62 -5.25 21.88
C LEU A 42 4.50 -6.14 22.39
N ARG A 43 4.85 -7.40 22.69
CA ARG A 43 3.88 -8.37 23.21
C ARG A 43 3.32 -7.86 24.54
N ALA A 44 4.21 -7.42 25.41
CA ALA A 44 3.79 -6.91 26.72
C ALA A 44 2.95 -5.63 26.57
N ALA A 45 3.24 -4.86 25.53
CA ALA A 45 2.52 -3.60 25.28
C ALA A 45 1.12 -3.82 24.70
N GLY A 46 0.80 -5.06 24.37
CA GLY A 46 -0.52 -5.35 23.83
C GLY A 46 -0.64 -5.36 22.32
N VAL A 47 0.47 -5.15 21.62
CA VAL A 47 0.46 -5.15 20.16
C VAL A 47 -0.04 -6.50 19.66
N ASP A 48 -0.90 -6.48 18.64
CA ASP A 48 -1.44 -7.72 18.11
C ASP A 48 -0.47 -8.50 17.21
N GLY A 49 0.22 -7.81 16.32
CA GLY A 49 1.15 -8.48 15.44
C GLY A 49 2.15 -7.53 14.83
N VAL A 50 2.96 -8.04 13.90
CA VAL A 50 3.95 -7.22 13.23
C VAL A 50 3.86 -7.42 11.73
N MET A 51 4.47 -6.50 10.99
CA MET A 51 4.47 -6.57 9.54
C MET A 51 5.91 -6.64 9.07
N VAL A 52 6.16 -7.40 8.01
CA VAL A 52 7.51 -7.50 7.49
C VAL A 52 7.54 -7.66 5.99
N ASP A 53 8.57 -7.09 5.39
CA ASP A 53 8.79 -7.19 3.96
C ASP A 53 9.45 -8.53 3.68
N VAL A 54 8.89 -9.30 2.76
CA VAL A 54 9.50 -10.56 2.38
C VAL A 54 10.03 -10.16 1.00
N TRP A 55 11.26 -9.64 1.02
CA TRP A 55 11.94 -9.12 -0.16
C TRP A 55 12.26 -10.11 -1.27
N TRP A 56 11.69 -9.84 -2.43
CA TRP A 56 11.90 -10.66 -3.61
C TRP A 56 13.38 -10.70 -3.96
N GLY A 57 14.02 -9.53 -3.93
CA GLY A 57 15.43 -9.44 -4.24
C GLY A 57 16.34 -10.22 -3.30
N ILE A 58 15.80 -10.64 -2.16
CA ILE A 58 16.59 -11.41 -1.21
C ILE A 58 16.33 -12.89 -1.46
N ILE A 59 15.05 -13.25 -1.48
CA ILE A 59 14.61 -14.63 -1.66
C ILE A 59 14.97 -15.31 -2.96
N GLU A 60 14.69 -14.68 -4.09
CA GLU A 60 14.97 -15.27 -5.39
C GLU A 60 16.20 -14.67 -6.03
N LEU A 61 17.20 -14.37 -5.21
CA LEU A 61 18.43 -13.76 -5.71
C LEU A 61 19.29 -14.64 -6.60
N LYS A 62 19.46 -15.91 -6.20
CA LYS A 62 20.30 -16.84 -6.95
C LYS A 62 19.94 -16.98 -8.43
N GLY A 63 18.65 -17.04 -8.73
CA GLY A 63 18.21 -17.18 -10.10
C GLY A 63 16.75 -17.55 -10.14
N PRO A 64 16.16 -17.68 -11.35
CA PRO A 64 14.74 -18.02 -11.51
C PRO A 64 14.35 -19.25 -10.70
N LYS A 65 13.33 -19.09 -9.86
CA LYS A 65 12.80 -20.16 -9.03
C LYS A 65 13.78 -20.75 -8.01
N GLN A 66 14.86 -20.04 -7.75
CA GLN A 66 15.83 -20.51 -6.76
C GLN A 66 15.58 -19.70 -5.50
N TYR A 67 14.56 -20.12 -4.76
CA TYR A 67 14.16 -19.45 -3.54
C TYR A 67 14.86 -20.00 -2.31
N ASP A 68 15.20 -19.11 -1.38
CA ASP A 68 15.80 -19.53 -0.13
C ASP A 68 14.93 -18.89 0.94
N TRP A 69 14.09 -19.70 1.57
CA TRP A 69 13.18 -19.24 2.62
C TRP A 69 13.66 -19.46 4.03
N ARG A 70 14.87 -20.02 4.18
CA ARG A 70 15.40 -20.33 5.50
C ARG A 70 15.45 -19.20 6.52
N ALA A 71 16.08 -18.08 6.17
CA ALA A 71 16.17 -16.97 7.10
C ALA A 71 14.79 -16.46 7.51
N TYR A 72 13.88 -16.37 6.55
CA TYR A 72 12.54 -15.90 6.88
C TYR A 72 11.79 -16.90 7.75
N ARG A 73 12.09 -18.19 7.57
CA ARG A 73 11.44 -19.21 8.41
C ARG A 73 11.89 -18.96 9.85
N SER A 74 13.16 -18.60 10.04
CA SER A 74 13.67 -18.33 11.39
C SER A 74 12.99 -17.10 11.98
N LEU A 75 12.74 -16.10 11.13
CA LEU A 75 12.08 -14.89 11.58
C LEU A 75 10.64 -15.20 11.99
N LEU A 76 9.90 -15.87 11.12
CA LEU A 76 8.52 -16.21 11.44
C LEU A 76 8.46 -17.06 12.71
N GLN A 77 9.43 -17.95 12.88
CA GLN A 77 9.50 -18.81 14.06
C GLN A 77 9.60 -17.94 15.31
N LEU A 78 10.48 -16.95 15.26
CA LEU A 78 10.66 -16.05 16.41
C LEU A 78 9.39 -15.26 16.68
N VAL A 79 8.76 -14.75 15.63
CA VAL A 79 7.54 -13.97 15.80
C VAL A 79 6.49 -14.84 16.49
N GLN A 80 6.36 -16.07 16.03
CA GLN A 80 5.40 -17.00 16.62
C GLN A 80 5.72 -17.24 18.10
N GLU A 81 7.00 -17.43 18.41
CA GLU A 81 7.42 -17.66 19.78
C GLU A 81 7.09 -16.47 20.66
N CYS A 82 7.11 -15.28 20.09
CA CYS A 82 6.81 -14.07 20.86
C CYS A 82 5.33 -13.75 20.98
N GLY A 83 4.49 -14.66 20.50
CA GLY A 83 3.04 -14.47 20.60
C GLY A 83 2.45 -13.35 19.75
N LEU A 84 3.04 -13.11 18.60
CA LEU A 84 2.56 -12.06 17.70
C LEU A 84 2.14 -12.67 16.38
N THR A 85 1.17 -12.04 15.71
CA THR A 85 0.76 -12.52 14.40
C THR A 85 1.62 -11.76 13.40
N LEU A 86 1.52 -12.11 12.13
CA LEU A 86 2.33 -11.47 11.10
C LEU A 86 1.57 -11.08 9.85
N GLN A 87 1.91 -9.90 9.33
CA GLN A 87 1.34 -9.40 8.10
C GLN A 87 2.55 -9.52 7.17
N ALA A 88 2.49 -10.45 6.22
CA ALA A 88 3.61 -10.66 5.31
C ALA A 88 3.45 -9.94 3.98
N ILE A 89 4.40 -9.05 3.67
CA ILE A 89 4.35 -8.31 2.43
C ILE A 89 5.13 -9.05 1.35
N MET A 90 4.49 -9.30 0.21
CA MET A 90 5.17 -9.93 -0.91
C MET A 90 5.80 -8.70 -1.57
N SER A 91 7.03 -8.41 -1.15
CA SER A 91 7.75 -7.23 -1.61
C SER A 91 8.54 -7.41 -2.90
N PHE A 92 7.88 -7.10 -4.00
CA PHE A 92 8.46 -7.21 -5.33
C PHE A 92 9.08 -5.90 -5.76
N HIS A 93 9.58 -5.14 -4.79
CA HIS A 93 10.18 -3.86 -5.09
C HIS A 93 11.52 -3.69 -4.40
N GLN A 94 12.19 -2.61 -4.73
CA GLN A 94 13.49 -2.30 -4.18
C GLN A 94 13.38 -1.41 -2.95
N CYS A 95 14.24 -1.65 -1.96
CA CYS A 95 14.26 -0.82 -0.76
C CYS A 95 15.51 0.04 -0.91
N GLY A 96 15.39 1.34 -0.63
CA GLY A 96 16.55 2.20 -0.73
C GLY A 96 16.38 3.61 -1.27
N GLY A 97 15.48 3.78 -2.24
CA GLY A 97 15.27 5.09 -2.83
C GLY A 97 14.05 5.88 -2.39
N ASN A 98 13.29 5.34 -1.44
CA ASN A 98 12.11 6.04 -0.95
C ASN A 98 12.32 6.52 0.48
N VAL A 99 11.47 7.45 0.92
CA VAL A 99 11.59 8.00 2.26
C VAL A 99 11.71 6.94 3.35
N GLY A 100 12.71 7.10 4.21
CA GLY A 100 12.90 6.15 5.30
C GLY A 100 13.74 4.93 5.01
N ASP A 101 13.95 4.62 3.73
CA ASP A 101 14.73 3.45 3.36
C ASP A 101 16.19 3.59 3.80
N ILE A 102 16.53 2.93 4.90
CA ILE A 102 17.90 3.00 5.43
C ILE A 102 18.75 1.79 5.04
N VAL A 103 18.20 0.94 4.19
CA VAL A 103 18.93 -0.24 3.72
C VAL A 103 18.67 -0.39 2.24
N ASN A 104 19.66 -0.90 1.51
CA ASN A 104 19.50 -1.09 0.08
C ASN A 104 19.27 -2.56 -0.28
N ILE A 105 18.08 -2.83 -0.81
CA ILE A 105 17.71 -4.18 -1.21
C ILE A 105 17.09 -4.08 -2.60
N PRO A 106 17.89 -4.32 -3.64
CA PRO A 106 17.36 -4.25 -5.00
C PRO A 106 16.57 -5.50 -5.35
N ILE A 107 15.92 -5.49 -6.52
CA ILE A 107 15.19 -6.65 -6.96
C ILE A 107 16.29 -7.62 -7.43
N PRO A 108 15.93 -8.89 -7.70
CA PRO A 108 16.94 -9.87 -8.13
C PRO A 108 17.91 -9.39 -9.21
N GLN A 109 19.19 -9.66 -9.01
CA GLN A 109 20.21 -9.26 -9.98
C GLN A 109 19.96 -9.89 -11.34
N TRP A 110 19.46 -11.13 -11.35
CA TRP A 110 19.22 -11.79 -12.63
C TRP A 110 18.15 -11.04 -13.43
N VAL A 111 17.27 -10.32 -12.73
CA VAL A 111 16.24 -9.54 -13.40
C VAL A 111 16.92 -8.28 -13.91
N LEU A 112 17.75 -7.68 -13.06
CA LEU A 112 18.46 -6.47 -13.43
C LEU A 112 19.37 -6.75 -14.65
N ASP A 113 19.90 -7.96 -14.73
CA ASP A 113 20.75 -8.32 -15.86
C ASP A 113 19.93 -8.24 -17.14
N ILE A 114 18.69 -8.72 -17.08
CA ILE A 114 17.80 -8.67 -18.24
C ILE A 114 17.51 -7.21 -18.57
N GLY A 115 17.34 -6.40 -17.53
CA GLY A 115 17.06 -4.98 -17.72
C GLY A 115 18.19 -4.25 -18.42
N GLU A 116 19.40 -4.80 -18.37
CA GLU A 116 20.53 -4.18 -19.03
C GLU A 116 20.37 -4.32 -20.53
N SER A 117 19.79 -5.43 -20.97
CA SER A 117 19.57 -5.67 -22.39
C SER A 117 18.23 -5.11 -22.84
N ASN A 118 17.33 -4.92 -21.88
CA ASN A 118 16.00 -4.40 -22.16
C ASN A 118 15.65 -3.36 -21.10
N HIS A 119 16.08 -2.12 -21.33
CA HIS A 119 15.84 -1.03 -20.39
C HIS A 119 14.37 -0.72 -20.19
N ASP A 120 13.53 -1.21 -21.10
CA ASP A 120 12.10 -0.94 -21.02
C ASP A 120 11.31 -1.79 -20.03
N ILE A 121 12.00 -2.58 -19.22
CA ILE A 121 11.28 -3.38 -18.22
C ILE A 121 11.11 -2.50 -16.97
N PHE A 122 11.66 -1.29 -17.03
CA PHE A 122 11.59 -0.36 -15.90
C PHE A 122 10.70 0.83 -16.19
N TYR A 123 10.03 1.35 -15.16
CA TYR A 123 9.20 2.52 -15.33
C TYR A 123 10.12 3.63 -15.84
N THR A 124 9.65 4.34 -16.86
CA THR A 124 10.44 5.38 -17.50
C THR A 124 9.70 6.69 -17.60
N ASN A 125 10.39 7.80 -17.34
CA ASN A 125 9.76 9.11 -17.44
C ASN A 125 10.01 9.66 -18.83
N ARG A 126 9.45 10.82 -19.14
CA ARG A 126 9.61 11.40 -20.48
C ARG A 126 11.06 11.63 -20.88
N SER A 127 11.88 12.02 -19.90
CA SER A 127 13.30 12.26 -20.16
C SER A 127 14.07 10.98 -20.46
N GLY A 128 13.45 9.84 -20.16
CA GLY A 128 14.11 8.57 -20.44
C GLY A 128 14.85 7.92 -19.29
N THR A 129 14.68 8.45 -18.07
CA THR A 129 15.35 7.87 -16.92
C THR A 129 14.64 6.57 -16.52
N ARG A 130 15.43 5.52 -16.33
CA ARG A 130 14.88 4.22 -15.96
C ARG A 130 14.92 4.06 -14.44
N ASN A 131 13.76 3.76 -13.86
CA ASN A 131 13.68 3.55 -12.42
C ASN A 131 13.72 2.04 -12.20
N LYS A 132 14.76 1.55 -11.53
CA LYS A 132 14.92 0.13 -11.32
C LYS A 132 14.31 -0.46 -10.05
N GLU A 133 13.43 0.28 -9.38
CA GLU A 133 12.83 -0.22 -8.15
C GLU A 133 11.66 -1.18 -8.33
N TYR A 134 11.13 -1.26 -9.55
CA TYR A 134 9.99 -2.13 -9.78
C TYR A 134 9.80 -2.34 -11.27
N LEU A 135 9.28 -3.50 -11.65
CA LEU A 135 9.06 -3.79 -13.07
C LEU A 135 7.78 -3.11 -13.56
N THR A 136 7.89 -2.37 -14.66
CA THR A 136 6.74 -1.67 -15.20
C THR A 136 5.56 -2.60 -15.47
N VAL A 137 4.36 -2.07 -15.26
CA VAL A 137 3.14 -2.82 -15.52
C VAL A 137 3.16 -3.25 -16.98
N GLY A 138 3.94 -2.53 -17.79
CA GLY A 138 4.05 -2.86 -19.21
C GLY A 138 4.52 -4.28 -19.50
N VAL A 139 5.31 -4.86 -18.61
CA VAL A 139 5.80 -6.22 -18.81
C VAL A 139 5.09 -7.27 -17.95
N ASP A 140 3.95 -6.90 -17.39
CA ASP A 140 3.19 -7.82 -16.56
C ASP A 140 2.98 -9.16 -17.26
N ASN A 141 2.63 -9.08 -18.54
CA ASN A 141 2.35 -10.27 -19.31
C ASN A 141 3.28 -10.50 -20.50
N GLU A 142 4.49 -9.99 -20.41
CA GLU A 142 5.50 -10.16 -21.45
C GLU A 142 6.41 -11.29 -20.95
N PRO A 143 6.46 -12.42 -21.67
CA PRO A 143 7.29 -13.55 -21.27
C PRO A 143 8.77 -13.35 -21.61
N ILE A 144 9.35 -12.30 -21.05
CA ILE A 144 10.74 -11.95 -21.32
C ILE A 144 11.75 -12.23 -20.21
N PHE A 145 11.29 -12.84 -19.12
CA PHE A 145 12.19 -13.16 -18.02
C PHE A 145 12.46 -14.65 -18.04
N HIS A 146 13.37 -15.05 -18.93
CA HIS A 146 13.72 -16.44 -19.11
C HIS A 146 12.45 -17.26 -19.28
N GLY A 147 11.57 -16.78 -20.14
CA GLY A 147 10.33 -17.50 -20.41
C GLY A 147 9.12 -17.10 -19.59
N ARG A 148 9.35 -16.46 -18.45
CA ARG A 148 8.24 -16.04 -17.60
C ARG A 148 7.89 -14.57 -17.75
N THR A 149 6.64 -14.26 -17.45
CA THR A 149 6.16 -12.88 -17.49
C THR A 149 6.38 -12.37 -16.06
N ALA A 150 6.28 -11.06 -15.86
CA ALA A 150 6.48 -10.52 -14.52
C ALA A 150 5.41 -11.07 -13.58
N ILE A 151 4.17 -11.14 -14.03
CA ILE A 151 3.11 -11.65 -13.17
C ILE A 151 3.33 -13.11 -12.79
N GLU A 152 3.89 -13.90 -13.70
CA GLU A 152 4.15 -15.30 -13.38
C GLU A 152 5.24 -15.38 -12.32
N ILE A 153 6.18 -14.44 -12.36
CA ILE A 153 7.24 -14.42 -11.37
C ILE A 153 6.61 -14.17 -10.00
N TYR A 154 5.69 -13.21 -9.95
CA TYR A 154 5.01 -12.87 -8.70
C TYR A 154 4.17 -14.06 -8.23
N SER A 155 3.49 -14.71 -9.18
CA SER A 155 2.65 -15.86 -8.86
C SER A 155 3.47 -17.02 -8.30
N ASP A 156 4.56 -17.37 -8.98
CA ASP A 156 5.40 -18.48 -8.51
C ASP A 156 5.99 -18.19 -7.15
N TYR A 157 6.35 -16.94 -6.90
CA TYR A 157 6.92 -16.50 -5.63
C TYR A 157 5.93 -16.74 -4.50
N MET A 158 4.70 -16.25 -4.71
CA MET A 158 3.66 -16.42 -3.69
C MET A 158 3.31 -17.88 -3.47
N LYS A 159 3.26 -18.67 -4.53
CA LYS A 159 2.96 -20.09 -4.36
C LYS A 159 4.07 -20.75 -3.55
N SER A 160 5.32 -20.41 -3.87
CA SER A 160 6.44 -20.98 -3.16
C SER A 160 6.39 -20.55 -1.69
N PHE A 161 6.00 -19.30 -1.45
CA PHE A 161 5.90 -18.81 -0.08
C PHE A 161 4.82 -19.64 0.65
N ARG A 162 3.67 -19.80 -0.01
CA ARG A 162 2.57 -20.55 0.57
C ARG A 162 2.93 -21.99 0.97
N GLU A 163 3.69 -22.67 0.11
CA GLU A 163 4.06 -24.04 0.39
C GLU A 163 5.17 -24.16 1.43
N ASN A 164 6.18 -23.30 1.33
CA ASN A 164 7.30 -23.36 2.25
C ASN A 164 6.99 -22.83 3.65
N MET A 165 5.93 -22.06 3.77
CA MET A 165 5.52 -21.51 5.07
C MET A 165 4.19 -22.15 5.45
N SER A 166 3.88 -23.28 4.82
CA SER A 166 2.62 -23.99 5.07
C SER A 166 2.31 -24.22 6.55
N ASP A 167 3.32 -24.57 7.33
CA ASP A 167 3.10 -24.81 8.75
C ASP A 167 2.69 -23.54 9.49
N PHE A 168 3.37 -22.43 9.22
CA PHE A 168 3.03 -21.17 9.87
C PHE A 168 1.64 -20.72 9.44
N LEU A 169 1.32 -20.91 8.18
CA LEU A 169 0.01 -20.54 7.66
C LEU A 169 -1.08 -21.36 8.33
N GLU A 170 -0.84 -22.67 8.43
CA GLU A 170 -1.80 -23.57 9.05
C GLU A 170 -2.05 -23.23 10.51
N SER A 171 -1.02 -22.77 11.21
CA SER A 171 -1.15 -22.43 12.63
C SER A 171 -1.80 -21.06 12.85
N GLY A 172 -2.03 -20.32 11.78
CA GLY A 172 -2.65 -19.01 11.90
C GLY A 172 -1.70 -17.87 12.24
N LEU A 173 -0.41 -18.10 12.07
CA LEU A 173 0.58 -17.06 12.37
C LEU A 173 0.43 -15.84 11.47
N ILE A 174 0.19 -16.09 10.19
CA ILE A 174 0.05 -15.02 9.20
C ILE A 174 -1.41 -14.63 9.03
N ILE A 175 -1.75 -13.41 9.41
CA ILE A 175 -3.13 -12.96 9.31
C ILE A 175 -3.47 -12.41 7.94
N ASP A 176 -2.49 -11.80 7.27
CA ASP A 176 -2.76 -11.32 5.93
C ASP A 176 -1.51 -11.24 5.08
N ILE A 177 -1.74 -11.33 3.77
CA ILE A 177 -0.67 -11.26 2.79
C ILE A 177 -0.84 -9.91 2.09
N GLU A 178 0.13 -9.02 2.29
CA GLU A 178 0.09 -7.70 1.67
C GLU A 178 0.79 -7.88 0.34
N VAL A 179 0.02 -7.91 -0.74
CA VAL A 179 0.57 -8.10 -2.07
C VAL A 179 1.20 -6.83 -2.64
N GLY A 180 2.54 -6.81 -2.73
CA GLY A 180 3.22 -5.65 -3.26
C GLY A 180 2.83 -5.46 -4.71
N LEU A 181 2.47 -4.23 -5.09
CA LEU A 181 2.04 -3.96 -6.46
C LEU A 181 2.79 -2.83 -7.15
N GLY A 182 3.91 -2.40 -6.55
CA GLY A 182 4.68 -1.34 -7.15
C GLY A 182 5.69 -0.77 -6.19
N PRO A 183 6.19 0.45 -6.46
CA PRO A 183 7.17 1.14 -5.62
C PRO A 183 6.72 1.11 -4.16
N ALA A 184 7.64 0.78 -3.25
CA ALA A 184 7.33 0.72 -1.83
C ALA A 184 6.16 -0.23 -1.56
N GLY A 185 5.99 -1.19 -2.46
CA GLY A 185 4.92 -2.17 -2.33
C GLY A 185 3.53 -1.65 -2.60
N GLU A 186 3.43 -0.37 -2.98
CA GLU A 186 2.12 0.24 -3.21
C GLU A 186 1.66 0.20 -4.67
N LEU A 187 0.35 0.11 -4.86
CA LEU A 187 -0.21 0.11 -6.21
C LEU A 187 -0.16 1.55 -6.69
N ARG A 188 0.93 1.91 -7.35
CA ARG A 188 1.12 3.28 -7.84
C ARG A 188 2.30 3.31 -8.81
N TYR A 189 2.46 4.44 -9.47
CA TYR A 189 3.58 4.64 -10.37
C TYR A 189 4.61 5.35 -9.52
N PRO A 190 5.90 5.24 -9.87
CA PRO A 190 6.96 5.92 -9.10
C PRO A 190 7.06 7.35 -9.60
N SER A 191 5.99 8.12 -9.37
CA SER A 191 5.92 9.49 -9.83
C SER A 191 6.68 10.51 -9.02
N TYR A 192 7.05 10.14 -7.80
CA TYR A 192 7.80 11.05 -6.92
C TYR A 192 9.06 10.36 -6.40
N PRO A 193 10.00 10.05 -7.30
CA PRO A 193 11.26 9.39 -6.98
C PRO A 193 12.33 10.30 -6.38
N GLN A 194 12.64 10.08 -5.10
CA GLN A 194 13.69 10.86 -4.45
C GLN A 194 14.98 10.60 -5.21
N SER A 195 15.10 9.40 -5.77
CA SER A 195 16.28 9.00 -6.52
C SER A 195 16.54 9.86 -7.75
N GLN A 196 15.52 10.55 -8.23
CA GLN A 196 15.67 11.42 -9.40
C GLN A 196 15.51 12.90 -9.07
N GLY A 197 15.66 13.24 -7.79
CA GLY A 197 15.58 14.63 -7.40
C GLY A 197 14.24 15.17 -6.93
N TRP A 198 13.20 14.36 -6.95
CA TRP A 198 11.90 14.84 -6.50
C TRP A 198 11.95 15.22 -5.02
N GLU A 199 11.26 16.29 -4.69
CA GLU A 199 11.18 16.77 -3.32
C GLU A 199 9.75 17.24 -3.09
N PHE A 200 9.18 16.85 -1.95
CA PHE A 200 7.83 17.25 -1.59
C PHE A 200 7.81 18.79 -1.64
N PRO A 201 6.73 19.38 -2.18
CA PRO A 201 5.52 18.79 -2.74
C PRO A 201 5.47 18.83 -4.27
N GLY A 202 6.56 18.43 -4.93
CA GLY A 202 6.57 18.44 -6.37
C GLY A 202 5.41 17.64 -6.93
N ILE A 203 4.83 18.09 -8.05
CA ILE A 203 3.70 17.40 -8.65
C ILE A 203 4.04 15.99 -9.14
N GLY A 204 5.33 15.72 -9.30
CA GLY A 204 5.75 14.42 -9.79
C GLY A 204 5.67 14.36 -11.30
N GLU A 205 5.92 13.18 -11.86
CA GLU A 205 5.91 13.00 -13.31
C GLU A 205 5.26 11.68 -13.71
N PHE A 206 4.61 11.68 -14.88
CA PHE A 206 4.00 10.47 -15.39
C PHE A 206 5.11 9.48 -15.69
N GLN A 207 4.87 8.20 -15.40
CA GLN A 207 5.88 7.17 -15.59
C GLN A 207 5.44 6.11 -16.59
N CYS A 208 4.92 6.55 -17.74
CA CYS A 208 4.43 5.63 -18.75
C CYS A 208 5.16 5.70 -20.08
N TYR A 209 6.46 6.03 -20.04
CA TYR A 209 7.20 6.15 -21.28
C TYR A 209 8.03 4.96 -21.73
N ASP A 210 7.97 3.84 -21.00
CA ASP A 210 8.72 2.66 -21.44
C ASP A 210 8.02 2.22 -22.72
N LYS A 211 8.75 1.55 -23.61
CA LYS A 211 8.18 1.16 -24.90
C LYS A 211 6.90 0.33 -24.84
N TYR A 212 6.75 -0.47 -23.79
CA TYR A 212 5.56 -1.30 -23.64
C TYR A 212 4.33 -0.46 -23.38
N LEU A 213 4.39 0.39 -22.36
CA LEU A 213 3.26 1.25 -22.03
C LEU A 213 3.00 2.25 -23.15
N LYS A 214 4.07 2.79 -23.74
CA LYS A 214 3.91 3.75 -24.82
C LYS A 214 3.16 3.12 -25.99
N ALA A 215 3.55 1.90 -26.36
CA ALA A 215 2.90 1.20 -27.47
C ALA A 215 1.44 0.91 -27.12
N ASP A 216 1.22 0.54 -25.86
CA ASP A 216 -0.11 0.24 -25.34
C ASP A 216 -0.97 1.48 -25.54
N PHE A 217 -0.44 2.63 -25.11
CA PHE A 217 -1.12 3.90 -25.24
C PHE A 217 -1.43 4.24 -26.69
N LYS A 218 -0.41 4.16 -27.54
CA LYS A 218 -0.60 4.48 -28.96
C LYS A 218 -1.67 3.61 -29.60
N ALA A 219 -1.72 2.33 -29.22
CA ALA A 219 -2.74 1.45 -29.77
C ALA A 219 -4.11 1.87 -29.26
N ALA A 220 -4.17 2.26 -27.99
CA ALA A 220 -5.42 2.69 -27.37
C ALA A 220 -5.98 3.95 -28.02
N VAL A 221 -5.13 4.95 -28.24
CA VAL A 221 -5.60 6.19 -28.85
C VAL A 221 -6.02 5.95 -30.29
N ALA A 222 -5.34 5.04 -30.98
CA ALA A 222 -5.70 4.74 -32.36
C ALA A 222 -7.11 4.15 -32.40
N ARG A 223 -7.41 3.23 -31.48
CA ARG A 223 -8.73 2.62 -31.44
C ARG A 223 -9.79 3.65 -31.05
N ALA A 224 -9.36 4.72 -30.39
CA ALA A 224 -10.28 5.78 -29.98
C ALA A 224 -10.53 6.74 -31.14
N GLY A 225 -9.84 6.52 -32.25
CA GLY A 225 -10.01 7.38 -33.42
C GLY A 225 -9.07 8.57 -33.44
N HIS A 226 -8.06 8.54 -32.58
CA HIS A 226 -7.08 9.62 -32.50
C HIS A 226 -5.68 9.02 -32.43
N PRO A 227 -5.23 8.40 -33.52
CA PRO A 227 -3.90 7.79 -33.57
C PRO A 227 -2.73 8.76 -33.44
N GLU A 228 -3.00 10.05 -33.63
CA GLU A 228 -1.95 11.05 -33.55
C GLU A 228 -1.64 11.51 -32.12
N TRP A 229 -2.52 11.16 -31.19
CA TRP A 229 -2.30 11.54 -29.80
C TRP A 229 -1.00 10.97 -29.25
N GLU A 230 -0.25 11.82 -28.57
CA GLU A 230 1.01 11.42 -27.95
C GLU A 230 0.87 11.51 -26.45
N LEU A 231 1.79 10.88 -25.73
CA LEU A 231 1.78 10.93 -24.27
C LEU A 231 2.01 12.38 -23.86
N PRO A 232 1.61 12.75 -22.64
CA PRO A 232 1.78 14.14 -22.17
C PRO A 232 3.16 14.71 -22.44
N ASP A 233 3.19 15.92 -22.99
CA ASP A 233 4.45 16.59 -23.29
C ASP A 233 4.46 18.00 -22.71
N ASP A 234 3.47 18.30 -21.87
CA ASP A 234 3.37 19.62 -21.25
C ASP A 234 3.04 19.51 -19.76
N ALA A 235 3.43 18.39 -19.15
CA ALA A 235 3.17 18.17 -17.73
C ALA A 235 4.29 18.63 -16.81
N GLY A 236 5.32 19.25 -17.39
CA GLY A 236 6.42 19.76 -16.59
C GLY A 236 7.33 18.71 -15.98
N LYS A 237 7.93 19.04 -14.84
CA LYS A 237 8.86 18.12 -14.19
C LYS A 237 8.52 17.86 -12.72
N TYR A 238 9.24 16.89 -12.14
CA TYR A 238 9.04 16.47 -10.76
C TYR A 238 8.72 17.54 -9.73
N ASN A 239 9.54 18.58 -9.66
CA ASN A 239 9.34 19.63 -8.66
C ASN A 239 8.56 20.87 -9.08
N ASP A 240 7.80 20.75 -10.16
CA ASP A 240 6.98 21.86 -10.64
C ASP A 240 5.70 21.93 -9.81
N VAL A 241 4.99 23.04 -9.93
CA VAL A 241 3.71 23.22 -9.27
C VAL A 241 2.74 23.14 -10.43
N PRO A 242 1.48 22.76 -10.19
CA PRO A 242 0.47 22.62 -11.23
C PRO A 242 0.32 23.78 -12.21
N GLU A 243 0.20 24.99 -11.68
CA GLU A 243 0.01 26.18 -12.53
C GLU A 243 1.13 26.47 -13.51
N SER A 244 2.31 25.89 -13.29
CA SER A 244 3.45 26.11 -14.18
C SER A 244 3.42 25.20 -15.39
N THR A 245 2.44 24.30 -15.45
CA THR A 245 2.36 23.36 -16.55
C THR A 245 1.14 23.55 -17.42
N GLY A 246 1.27 23.21 -18.70
CA GLY A 246 0.14 23.34 -19.61
C GLY A 246 -0.84 22.21 -19.37
N PHE A 247 -0.35 21.12 -18.79
CA PHE A 247 -1.22 19.96 -18.54
C PHE A 247 -2.13 20.14 -17.33
N PHE A 248 -1.57 20.66 -16.24
CA PHE A 248 -2.34 20.82 -15.02
C PHE A 248 -2.92 22.20 -14.73
N LYS A 249 -2.57 23.20 -15.52
CA LYS A 249 -3.10 24.54 -15.30
C LYS A 249 -4.61 24.56 -15.55
N SER A 250 -5.28 25.58 -15.04
CA SER A 250 -6.72 25.73 -15.23
C SER A 250 -7.02 25.65 -16.73
N ASN A 251 -8.03 24.88 -17.08
CA ASN A 251 -8.42 24.67 -18.48
C ASN A 251 -7.28 24.05 -19.27
N GLY A 252 -6.34 23.44 -18.56
CA GLY A 252 -5.20 22.81 -19.18
C GLY A 252 -5.51 21.52 -19.89
N THR A 253 -4.46 20.84 -20.34
CA THR A 253 -4.63 19.59 -21.08
C THR A 253 -5.36 18.48 -20.33
N TYR A 254 -5.24 18.44 -19.00
CA TYR A 254 -5.90 17.38 -18.25
C TYR A 254 -7.42 17.33 -18.40
N VAL A 255 -8.02 18.44 -18.80
CA VAL A 255 -9.48 18.46 -18.97
C VAL A 255 -9.92 18.34 -20.42
N THR A 256 -8.97 18.23 -21.34
CA THR A 256 -9.29 18.08 -22.76
C THR A 256 -9.60 16.61 -23.02
N GLU A 257 -10.19 16.31 -24.17
CA GLU A 257 -10.51 14.92 -24.50
C GLU A 257 -9.25 14.06 -24.48
N LYS A 258 -8.16 14.60 -25.00
CA LYS A 258 -6.88 13.91 -25.05
C LYS A 258 -6.36 13.62 -23.64
N GLY A 259 -6.38 14.65 -22.79
CA GLY A 259 -5.89 14.50 -21.43
C GLY A 259 -6.72 13.51 -20.62
N LYS A 260 -8.04 13.61 -20.75
CA LYS A 260 -8.94 12.71 -20.03
C LYS A 260 -8.76 11.27 -20.49
N PHE A 261 -8.55 11.09 -21.79
CA PHE A 261 -8.34 9.75 -22.30
C PHE A 261 -7.05 9.18 -21.73
N PHE A 262 -6.00 10.00 -21.74
CA PHE A 262 -4.71 9.54 -21.21
C PHE A 262 -4.80 9.18 -19.72
N LEU A 263 -5.40 10.07 -18.94
CA LEU A 263 -5.50 9.83 -17.50
C LEU A 263 -6.33 8.59 -17.19
N THR A 264 -7.34 8.32 -18.03
CA THR A 264 -8.18 7.14 -17.83
C THR A 264 -7.35 5.91 -18.14
N TRP A 265 -6.62 5.96 -19.25
CA TRP A 265 -5.77 4.85 -19.67
C TRP A 265 -4.69 4.58 -18.64
N TYR A 266 -4.02 5.64 -18.20
CA TYR A 266 -2.93 5.58 -17.23
C TYR A 266 -3.40 4.95 -15.91
N SER A 267 -4.52 5.45 -15.38
CA SER A 267 -5.03 4.91 -14.13
C SER A 267 -5.60 3.51 -14.29
N ASN A 268 -6.20 3.21 -15.44
CA ASN A 268 -6.75 1.87 -15.69
C ASN A 268 -5.64 0.82 -15.66
N LYS A 269 -4.44 1.20 -16.10
CA LYS A 269 -3.34 0.25 -16.09
C LYS A 269 -3.08 -0.26 -14.68
N LEU A 270 -3.21 0.62 -13.68
CA LEU A 270 -3.00 0.23 -12.29
C LEU A 270 -4.12 -0.66 -11.77
N LEU A 271 -5.35 -0.33 -12.14
CA LEU A 271 -6.50 -1.13 -11.73
C LEU A 271 -6.35 -2.56 -12.21
N ASN A 272 -6.01 -2.72 -13.49
CA ASN A 272 -5.84 -4.05 -14.06
C ASN A 272 -4.61 -4.78 -13.53
N HIS A 273 -3.55 -4.02 -13.27
CA HIS A 273 -2.31 -4.56 -12.71
C HIS A 273 -2.64 -5.20 -11.36
N GLY A 274 -3.33 -4.45 -10.51
CA GLY A 274 -3.69 -4.97 -9.20
C GLY A 274 -4.65 -6.14 -9.30
N ASP A 275 -5.63 -6.03 -10.20
CA ASP A 275 -6.62 -7.09 -10.36
C ASP A 275 -5.97 -8.39 -10.82
N GLN A 276 -5.12 -8.30 -11.85
CA GLN A 276 -4.45 -9.49 -12.39
C GLN A 276 -3.50 -10.18 -11.41
N ILE A 277 -2.75 -9.40 -10.65
CA ILE A 277 -1.83 -9.98 -9.70
C ILE A 277 -2.59 -10.54 -8.50
N LEU A 278 -3.67 -9.87 -8.09
CA LEU A 278 -4.46 -10.38 -6.98
C LEU A 278 -5.11 -11.70 -7.42
N ASP A 279 -5.34 -11.87 -8.71
CA ASP A 279 -5.91 -13.12 -9.21
C ASP A 279 -4.94 -14.23 -8.83
N GLU A 280 -3.66 -13.96 -9.02
CA GLU A 280 -2.62 -14.93 -8.72
C GLU A 280 -2.46 -15.14 -7.22
N ALA A 281 -2.70 -14.08 -6.43
CA ALA A 281 -2.59 -14.18 -4.99
C ALA A 281 -3.72 -15.06 -4.44
N ASN A 282 -4.94 -14.90 -4.97
CA ASN A 282 -6.06 -15.72 -4.50
C ASN A 282 -5.76 -17.18 -4.84
N LYS A 283 -5.16 -17.42 -6.01
CA LYS A 283 -4.82 -18.78 -6.40
C LYS A 283 -3.76 -19.36 -5.49
N ALA A 284 -2.69 -18.60 -5.28
CA ALA A 284 -1.58 -19.06 -4.44
C ALA A 284 -1.96 -19.36 -3.01
N PHE A 285 -2.85 -18.54 -2.43
CA PHE A 285 -3.23 -18.73 -1.04
C PHE A 285 -4.62 -19.30 -0.83
N LEU A 286 -5.20 -19.81 -1.91
CA LEU A 286 -6.52 -20.41 -1.84
C LEU A 286 -6.61 -21.41 -0.69
N GLY A 287 -7.63 -21.25 0.16
CA GLY A 287 -7.81 -22.17 1.27
C GLY A 287 -7.02 -21.86 2.53
N CYS A 288 -6.05 -20.95 2.42
CA CYS A 288 -5.24 -20.59 3.59
C CYS A 288 -6.02 -19.66 4.49
N LYS A 289 -5.75 -19.75 5.80
CA LYS A 289 -6.42 -18.88 6.75
C LYS A 289 -5.69 -17.55 6.83
N VAL A 290 -5.83 -16.78 5.76
CA VAL A 290 -5.21 -15.47 5.67
C VAL A 290 -6.10 -14.59 4.80
N LYS A 291 -5.92 -13.29 4.91
CA LYS A 291 -6.68 -12.36 4.10
C LYS A 291 -5.68 -11.69 3.17
N LEU A 292 -6.16 -11.21 2.02
CA LEU A 292 -5.29 -10.52 1.08
C LEU A 292 -5.48 -9.04 1.27
N ALA A 293 -4.43 -8.27 1.00
CA ALA A 293 -4.49 -6.83 1.14
C ALA A 293 -3.52 -6.19 0.15
N ILE A 294 -3.79 -4.94 -0.19
CA ILE A 294 -2.89 -4.21 -1.07
C ILE A 294 -2.67 -2.87 -0.40
N LYS A 295 -1.63 -2.17 -0.82
CA LYS A 295 -1.33 -0.88 -0.26
C LYS A 295 -1.54 0.23 -1.26
N VAL A 296 -2.23 1.27 -0.84
CA VAL A 296 -2.50 2.43 -1.67
C VAL A 296 -1.80 3.59 -0.98
N SER A 297 -0.99 4.31 -1.76
CA SER A 297 -0.24 5.44 -1.22
C SER A 297 -1.13 6.66 -1.01
N GLY A 298 -0.83 7.43 0.02
CA GLY A 298 -1.60 8.63 0.30
C GLY A 298 -0.93 9.85 -0.30
N ILE A 299 -1.40 10.26 -1.48
CA ILE A 299 -0.83 11.41 -2.17
C ILE A 299 -1.68 12.61 -1.81
N HIS A 300 -1.40 13.20 -0.64
CA HIS A 300 -2.16 14.31 -0.13
C HIS A 300 -1.80 15.69 -0.67
N TRP A 301 -0.61 15.86 -1.25
CA TRP A 301 -0.27 17.17 -1.76
C TRP A 301 -1.00 17.44 -3.07
N TRP A 302 -1.55 18.65 -3.17
CA TRP A 302 -2.33 19.13 -4.32
C TRP A 302 -3.76 18.58 -4.30
N TYR A 303 -4.10 17.87 -3.22
CA TYR A 303 -5.45 17.32 -3.09
C TYR A 303 -6.43 18.48 -3.04
N LYS A 304 -5.97 19.61 -2.51
CA LYS A 304 -6.84 20.78 -2.37
C LYS A 304 -6.99 21.70 -3.57
N VAL A 305 -6.42 21.32 -4.72
CA VAL A 305 -6.58 22.10 -5.94
C VAL A 305 -7.34 21.19 -6.91
N GLU A 306 -8.09 21.77 -7.84
CA GLU A 306 -8.89 20.96 -8.74
C GLU A 306 -8.16 19.97 -9.64
N ASN A 307 -6.87 20.20 -9.88
CA ASN A 307 -6.10 19.31 -10.74
C ASN A 307 -5.56 18.06 -10.02
N HIS A 308 -5.45 18.10 -8.70
CA HIS A 308 -4.95 16.93 -7.94
C HIS A 308 -3.74 16.35 -8.68
N ALA A 309 -2.88 17.23 -9.16
CA ALA A 309 -1.72 16.82 -9.94
C ALA A 309 -0.90 15.63 -9.44
N ALA A 310 -0.50 15.64 -8.17
CA ALA A 310 0.31 14.55 -7.64
C ALA A 310 -0.42 13.21 -7.66
N GLU A 311 -1.71 13.21 -7.35
CA GLU A 311 -2.46 11.96 -7.38
C GLU A 311 -2.50 11.47 -8.81
N LEU A 312 -2.75 12.38 -9.75
CA LEU A 312 -2.82 12.00 -11.16
C LEU A 312 -1.51 11.41 -11.68
N THR A 313 -0.37 12.01 -11.38
CA THR A 313 0.87 11.44 -11.87
C THR A 313 1.18 10.11 -11.16
N ALA A 314 0.65 9.94 -9.95
CA ALA A 314 0.87 8.71 -9.19
C ALA A 314 0.02 7.56 -9.74
N GLY A 315 -0.98 7.90 -10.57
CA GLY A 315 -1.83 6.88 -11.14
C GLY A 315 -3.23 6.82 -10.55
N TYR A 316 -3.52 7.73 -9.62
CA TYR A 316 -4.85 7.78 -9.00
C TYR A 316 -5.58 8.92 -9.68
N TYR A 317 -6.47 8.58 -10.62
CA TYR A 317 -7.21 9.58 -11.36
C TYR A 317 -8.35 10.08 -10.51
N ASN A 318 -7.99 10.87 -9.49
CA ASN A 318 -8.93 11.41 -8.55
C ASN A 318 -9.08 12.92 -8.70
N LEU A 319 -10.31 13.37 -8.93
CA LEU A 319 -10.63 14.78 -9.10
C LEU A 319 -11.80 15.14 -8.18
N ASN A 320 -12.17 16.41 -8.15
CA ASN A 320 -13.29 16.81 -7.31
C ASN A 320 -14.59 16.22 -7.85
N ASP A 321 -14.59 15.87 -9.13
CA ASP A 321 -15.79 15.30 -9.74
C ASP A 321 -15.57 13.89 -10.33
N ARG A 322 -14.54 13.20 -9.84
CA ARG A 322 -14.24 11.84 -10.27
C ARG A 322 -13.52 11.13 -9.15
N ASP A 323 -14.13 10.09 -8.60
CA ASP A 323 -13.52 9.35 -7.51
C ASP A 323 -12.50 8.37 -8.05
N GLY A 324 -11.21 8.63 -7.81
CA GLY A 324 -10.18 7.75 -8.31
C GLY A 324 -9.81 6.59 -7.40
N TYR A 325 -10.42 6.51 -6.22
CA TYR A 325 -10.11 5.44 -5.29
C TYR A 325 -11.18 4.38 -5.14
N ARG A 326 -12.45 4.79 -5.23
CA ARG A 326 -13.53 3.82 -5.07
C ARG A 326 -13.43 2.70 -6.12
N PRO A 327 -12.93 3.01 -7.32
CA PRO A 327 -12.82 1.93 -8.31
C PRO A 327 -11.81 0.89 -7.82
N ILE A 328 -10.78 1.36 -7.12
CA ILE A 328 -9.78 0.45 -6.57
C ILE A 328 -10.47 -0.42 -5.52
N ALA A 329 -11.27 0.20 -4.67
CA ALA A 329 -11.99 -0.54 -3.64
C ALA A 329 -12.92 -1.57 -4.27
N ARG A 330 -13.61 -1.18 -5.34
CA ARG A 330 -14.52 -2.10 -6.01
C ARG A 330 -13.74 -3.29 -6.59
N MET A 331 -12.57 -3.00 -7.16
CA MET A 331 -11.74 -4.04 -7.74
C MET A 331 -11.31 -5.03 -6.65
N LEU A 332 -11.01 -4.50 -5.47
CA LEU A 332 -10.59 -5.33 -4.35
C LEU A 332 -11.71 -6.25 -3.83
N SER A 333 -12.95 -5.82 -3.99
CA SER A 333 -14.07 -6.62 -3.48
C SER A 333 -14.13 -8.03 -4.04
N ARG A 334 -13.88 -8.21 -5.33
CA ARG A 334 -13.94 -9.55 -5.91
C ARG A 334 -12.85 -10.47 -5.35
N HIS A 335 -11.83 -9.88 -4.75
CA HIS A 335 -10.74 -10.64 -4.16
C HIS A 335 -10.90 -10.75 -2.65
N HIS A 336 -11.96 -10.11 -2.13
CA HIS A 336 -12.23 -10.09 -0.70
C HIS A 336 -10.99 -9.52 -0.03
N ALA A 337 -10.33 -8.59 -0.71
CA ALA A 337 -9.10 -7.98 -0.23
C ALA A 337 -9.26 -6.70 0.57
N ILE A 338 -8.27 -6.44 1.42
CA ILE A 338 -8.23 -5.28 2.27
C ILE A 338 -7.51 -4.13 1.60
N LEU A 339 -8.03 -2.92 1.74
CA LEU A 339 -7.39 -1.74 1.18
C LEU A 339 -6.62 -1.11 2.33
N ASN A 340 -5.29 -1.17 2.25
CA ASN A 340 -4.43 -0.61 3.28
C ASN A 340 -3.99 0.79 2.83
N PHE A 341 -4.53 1.82 3.47
CA PHE A 341 -4.22 3.21 3.09
C PHE A 341 -3.31 3.92 4.11
N ALA A 342 -2.50 4.85 3.64
CA ALA A 342 -1.59 5.58 4.53
C ALA A 342 -2.15 6.92 5.00
N CYS A 343 -1.30 7.71 5.64
CA CYS A 343 -1.65 9.05 6.14
C CYS A 343 -2.66 9.08 7.26
N LEU A 344 -2.88 7.95 7.92
CA LEU A 344 -3.83 7.91 9.01
C LEU A 344 -3.45 8.84 10.14
N GLU A 345 -2.19 9.25 10.18
CA GLU A 345 -1.72 10.09 11.27
C GLU A 345 -1.68 11.59 10.98
N MET A 346 -1.79 11.97 9.71
CA MET A 346 -1.67 13.38 9.33
C MET A 346 -2.87 14.29 9.50
N ARG A 347 -2.57 15.55 9.80
CA ARG A 347 -3.59 16.58 9.91
C ARG A 347 -3.16 17.66 8.92
N ASP A 348 -4.13 18.25 8.22
CA ASP A 348 -3.85 19.27 7.23
C ASP A 348 -2.96 20.40 7.74
N SER A 349 -3.22 20.83 8.97
CA SER A 349 -2.45 21.92 9.58
C SER A 349 -0.95 21.65 9.68
N GLU A 350 -0.55 20.39 9.59
CA GLU A 350 0.85 20.02 9.71
C GLU A 350 1.60 20.12 8.38
N GLN A 351 0.86 20.39 7.31
CA GLN A 351 1.46 20.49 5.98
C GLN A 351 1.66 21.94 5.59
N PRO A 352 2.72 22.24 4.82
CA PRO A 352 2.96 23.62 4.41
C PRO A 352 1.80 24.07 3.51
N SER A 353 1.39 25.32 3.64
CA SER A 353 0.28 25.84 2.85
C SER A 353 0.51 25.75 1.35
N ASP A 354 1.75 25.95 0.91
CA ASP A 354 2.03 25.90 -0.52
C ASP A 354 1.91 24.52 -1.14
N ALA A 355 1.63 23.50 -0.32
CA ALA A 355 1.48 22.14 -0.82
C ALA A 355 0.04 21.79 -1.12
N LYS A 356 -0.89 22.66 -0.72
CA LYS A 356 -2.32 22.43 -0.93
C LYS A 356 -2.63 21.00 -0.54
N SER A 357 -2.19 20.63 0.66
CA SER A 357 -2.35 19.28 1.19
C SER A 357 -3.64 19.00 1.98
N GLY A 358 -4.29 17.90 1.65
CA GLY A 358 -5.52 17.52 2.32
C GLY A 358 -5.54 16.07 2.78
N PRO A 359 -4.56 15.65 3.60
CA PRO A 359 -4.54 14.25 4.07
C PRO A 359 -5.80 13.83 4.83
N GLN A 360 -6.34 14.73 5.63
CA GLN A 360 -7.54 14.40 6.40
C GLN A 360 -8.71 14.08 5.48
N GLU A 361 -8.92 14.91 4.48
CA GLU A 361 -10.01 14.72 3.53
C GLU A 361 -9.76 13.51 2.65
N LEU A 362 -8.50 13.31 2.25
CA LEU A 362 -8.13 12.17 1.41
C LEU A 362 -8.44 10.87 2.15
N VAL A 363 -8.01 10.80 3.41
CA VAL A 363 -8.27 9.62 4.21
C VAL A 363 -9.77 9.37 4.30
N GLN A 364 -10.53 10.43 4.60
CA GLN A 364 -11.96 10.30 4.71
C GLN A 364 -12.57 9.76 3.41
N GLN A 365 -12.05 10.23 2.28
CA GLN A 365 -12.57 9.79 0.98
C GLN A 365 -12.28 8.33 0.72
N VAL A 366 -11.03 7.94 0.89
CA VAL A 366 -10.61 6.57 0.63
C VAL A 366 -11.30 5.57 1.54
N LEU A 367 -11.30 5.84 2.84
CA LEU A 367 -11.95 4.94 3.79
C LEU A 367 -13.45 4.87 3.49
N SER A 368 -14.06 6.02 3.21
CA SER A 368 -15.49 6.04 2.91
C SER A 368 -15.79 5.21 1.66
N GLY A 369 -14.95 5.36 0.64
CA GLY A 369 -15.15 4.60 -0.59
C GLY A 369 -15.06 3.11 -0.34
N GLY A 370 -14.13 2.71 0.53
CA GLY A 370 -13.97 1.31 0.85
C GLY A 370 -15.21 0.78 1.55
N TRP A 371 -15.69 1.51 2.54
CA TRP A 371 -16.87 1.06 3.26
C TRP A 371 -18.10 1.11 2.37
N ARG A 372 -18.15 2.10 1.48
CA ARG A 372 -19.26 2.24 0.54
C ARG A 372 -19.30 1.00 -0.37
N GLU A 373 -18.13 0.45 -0.69
CA GLU A 373 -18.03 -0.74 -1.54
C GLU A 373 -18.06 -2.03 -0.72
N ASP A 374 -18.28 -1.88 0.58
CA ASP A 374 -18.35 -3.02 1.48
C ASP A 374 -17.07 -3.86 1.52
N ILE A 375 -15.92 -3.20 1.61
CA ILE A 375 -14.66 -3.93 1.75
C ILE A 375 -14.04 -3.48 3.05
N ARG A 376 -13.01 -4.20 3.48
CA ARG A 376 -12.32 -3.88 4.72
C ARG A 376 -11.23 -2.85 4.41
N VAL A 377 -11.08 -1.86 5.28
CA VAL A 377 -10.07 -0.84 5.06
C VAL A 377 -9.14 -0.78 6.27
N ALA A 378 -7.85 -0.90 6.02
CA ALA A 378 -6.84 -0.84 7.08
C ALA A 378 -5.93 0.31 6.69
N GLY A 379 -4.88 0.55 7.48
CA GLY A 379 -4.00 1.64 7.13
C GLY A 379 -2.70 1.68 7.90
N GLU A 380 -1.90 2.70 7.61
CA GLU A 380 -0.60 2.89 8.25
C GLU A 380 -0.34 4.37 8.35
N ASN A 381 0.56 4.76 9.25
CA ASN A 381 0.94 6.15 9.34
C ASN A 381 1.97 6.30 8.23
N ALA A 382 1.92 7.41 7.51
CA ALA A 382 2.83 7.65 6.38
C ALA A 382 4.26 7.92 6.82
N LEU A 383 4.42 8.69 7.89
CA LEU A 383 5.74 9.06 8.38
C LEU A 383 5.91 8.75 9.87
N PRO A 384 7.17 8.57 10.32
CA PRO A 384 7.43 8.28 11.73
C PRO A 384 6.85 9.35 12.64
N ARG A 385 6.08 8.91 13.64
CA ARG A 385 5.46 9.82 14.60
C ARG A 385 5.42 9.11 15.94
N TYR A 386 5.74 9.84 17.01
CA TYR A 386 5.76 9.27 18.35
C TYR A 386 4.90 10.09 19.29
N ASP A 387 4.24 11.11 18.75
CA ASP A 387 3.43 12.02 19.56
C ASP A 387 1.94 11.70 19.68
N ALA A 388 1.36 12.19 20.77
CA ALA A 388 -0.06 12.00 21.05
C ALA A 388 -0.95 12.55 19.95
N THR A 389 -0.56 13.66 19.35
CA THR A 389 -1.35 14.27 18.27
C THR A 389 -1.51 13.27 17.12
N ALA A 390 -0.43 12.59 16.77
CA ALA A 390 -0.46 11.61 15.70
C ALA A 390 -1.33 10.42 16.08
N TYR A 391 -1.13 9.88 17.27
CA TYR A 391 -1.91 8.73 17.70
C TYR A 391 -3.39 9.04 17.75
N ASN A 392 -3.74 10.22 18.25
CA ASN A 392 -5.15 10.59 18.32
C ASN A 392 -5.78 10.68 16.95
N GLN A 393 -5.02 11.16 15.97
CA GLN A 393 -5.53 11.26 14.61
C GLN A 393 -5.74 9.86 14.03
N ILE A 394 -4.82 8.94 14.35
CA ILE A 394 -4.95 7.57 13.87
C ILE A 394 -6.18 6.91 14.51
N ILE A 395 -6.34 7.11 15.81
CA ILE A 395 -7.49 6.55 16.52
C ILE A 395 -8.79 7.12 15.96
N LEU A 396 -8.77 8.39 15.61
CA LEU A 396 -9.95 9.03 15.04
C LEU A 396 -10.30 8.33 13.74
N ASN A 397 -9.31 8.17 12.86
CA ASN A 397 -9.57 7.50 11.59
C ASN A 397 -9.97 6.04 11.77
N ALA A 398 -9.50 5.41 12.84
CA ALA A 398 -9.81 4.01 13.13
C ALA A 398 -11.29 3.81 13.42
N ARG A 399 -11.88 4.79 14.09
CA ARG A 399 -13.31 4.77 14.41
C ARG A 399 -13.78 6.22 14.29
N PRO A 400 -14.02 6.65 13.04
CA PRO A 400 -14.47 8.00 12.65
C PRO A 400 -15.66 8.56 13.41
N GLN A 401 -16.54 7.68 13.86
CA GLN A 401 -17.72 8.14 14.58
C GLN A 401 -17.70 7.69 16.04
N GLY A 402 -16.51 7.36 16.52
CA GLY A 402 -16.33 6.94 17.90
C GLY A 402 -16.73 5.53 18.24
N VAL A 403 -16.67 5.25 19.54
CA VAL A 403 -17.03 3.93 20.06
C VAL A 403 -18.54 3.78 20.19
N ASN A 404 -19.02 2.55 20.01
CA ASN A 404 -20.44 2.27 20.15
C ASN A 404 -20.56 1.44 21.42
N ASN A 405 -21.04 2.07 22.49
CA ASN A 405 -21.19 1.37 23.76
C ASN A 405 -22.30 0.32 23.70
N ASN A 406 -23.08 0.34 22.63
CA ASN A 406 -24.18 -0.61 22.47
C ASN A 406 -23.87 -1.74 21.51
N GLY A 407 -22.62 -1.84 21.08
CA GLY A 407 -22.25 -2.89 20.15
C GLY A 407 -21.12 -2.48 19.23
N PRO A 408 -20.96 -3.16 18.08
CA PRO A 408 -19.90 -2.81 17.15
C PRO A 408 -20.13 -1.43 16.53
N PRO A 409 -19.05 -0.68 16.27
CA PRO A 409 -19.22 0.65 15.67
C PRO A 409 -19.72 0.50 14.23
N LYS A 410 -20.46 1.47 13.71
CA LYS A 410 -20.93 1.34 12.34
C LYS A 410 -19.73 1.41 11.42
N LEU A 411 -18.77 2.26 11.80
CA LEU A 411 -17.57 2.43 11.00
C LEU A 411 -16.31 2.16 11.80
N SER A 412 -15.44 1.32 11.25
CA SER A 412 -14.18 1.03 11.92
C SER A 412 -13.20 0.46 10.91
N MET A 413 -11.94 0.86 11.05
CA MET A 413 -10.92 0.34 10.17
C MET A 413 -10.67 -1.09 10.64
N PHE A 414 -10.15 -1.93 9.74
CA PHE A 414 -9.91 -3.33 10.04
C PHE A 414 -8.60 -3.56 10.79
N GLY A 415 -7.77 -2.52 10.85
CA GLY A 415 -6.51 -2.63 11.54
C GLY A 415 -5.60 -1.49 11.11
N VAL A 416 -4.58 -1.23 11.91
CA VAL A 416 -3.62 -0.19 11.61
C VAL A 416 -2.24 -0.76 11.88
N THR A 417 -1.32 -0.55 10.95
CA THR A 417 0.04 -1.03 11.12
C THR A 417 0.92 0.21 11.30
N TYR A 418 1.63 0.23 12.42
CA TYR A 418 2.49 1.34 12.78
C TYR A 418 3.90 1.28 12.22
N LEU A 419 4.32 2.35 11.57
CA LEU A 419 5.66 2.46 11.02
C LEU A 419 6.43 3.33 12.02
N ARG A 420 7.49 2.82 12.65
CA ARG A 420 8.00 1.47 12.45
C ARG A 420 8.73 1.11 13.76
N LEU A 421 8.94 -0.18 13.99
CA LEU A 421 9.66 -0.59 15.20
C LEU A 421 11.08 -0.03 15.13
N SER A 422 11.50 0.64 16.19
CA SER A 422 12.84 1.23 16.25
C SER A 422 13.23 1.44 17.71
N ASP A 423 14.49 1.78 17.94
CA ASP A 423 14.97 2.03 19.30
C ASP A 423 14.20 3.18 19.91
N ASP A 424 13.96 4.21 19.09
CA ASP A 424 13.23 5.40 19.53
C ASP A 424 11.84 5.06 20.08
N LEU A 425 11.13 4.19 19.38
CA LEU A 425 9.78 3.80 19.81
C LEU A 425 9.77 3.19 21.20
N LEU A 426 10.79 2.40 21.52
CA LEU A 426 10.88 1.70 22.79
C LEU A 426 11.33 2.54 23.99
N GLN A 427 11.74 3.77 23.76
CA GLN A 427 12.17 4.63 24.86
C GLN A 427 11.02 4.87 25.82
N LYS A 428 11.33 4.99 27.10
CA LYS A 428 10.32 5.19 28.14
C LYS A 428 9.08 6.01 27.78
N SER A 429 9.25 7.30 27.52
CA SER A 429 8.13 8.16 27.20
C SER A 429 7.42 7.79 25.91
N ASN A 430 8.19 7.63 24.83
CA ASN A 430 7.57 7.27 23.56
C ASN A 430 6.75 6.00 23.68
N PHE A 431 7.34 4.98 24.30
CA PHE A 431 6.65 3.71 24.45
C PHE A 431 5.44 3.83 25.37
N ASN A 432 5.52 4.69 26.38
CA ASN A 432 4.36 4.86 27.27
C ASN A 432 3.19 5.45 26.51
N ILE A 433 3.47 6.38 25.61
CA ILE A 433 2.41 7.01 24.82
C ILE A 433 1.88 5.97 23.83
N PHE A 434 2.80 5.19 23.26
CA PHE A 434 2.43 4.15 22.31
C PHE A 434 1.51 3.12 22.98
N LYS A 435 1.83 2.75 24.23
CA LYS A 435 1.00 1.79 24.94
C LYS A 435 -0.41 2.34 25.12
N LYS A 436 -0.52 3.65 25.30
CA LYS A 436 -1.84 4.26 25.45
C LYS A 436 -2.55 4.21 24.11
N PHE A 437 -1.78 4.39 23.04
CA PHE A 437 -2.33 4.34 21.68
C PHE A 437 -2.92 2.95 21.47
N VAL A 438 -2.15 1.93 21.79
CA VAL A 438 -2.62 0.55 21.63
C VAL A 438 -3.88 0.34 22.45
N LEU A 439 -3.86 0.81 23.69
CA LEU A 439 -5.00 0.67 24.58
C LEU A 439 -6.28 1.31 24.01
N LYS A 440 -6.15 2.53 23.49
CA LYS A 440 -7.30 3.23 22.93
C LYS A 440 -7.78 2.59 21.63
N MET A 441 -6.84 2.11 20.83
CA MET A 441 -7.22 1.44 19.59
C MET A 441 -8.03 0.21 19.98
N HIS A 442 -7.66 -0.39 21.10
CA HIS A 442 -8.32 -1.57 21.63
C HIS A 442 -9.58 -1.22 22.42
N ALA A 443 -10.00 0.04 22.31
CA ALA A 443 -11.21 0.52 22.98
C ALA A 443 -11.14 0.29 24.50
N ASP A 444 -9.97 0.58 25.08
CA ASP A 444 -9.72 0.43 26.50
C ASP A 444 -9.69 -1.02 27.01
N GLN A 445 -9.81 -1.98 26.10
CA GLN A 445 -9.78 -3.37 26.50
C GLN A 445 -8.38 -3.94 26.49
N ASP A 446 -8.14 -4.95 27.32
CA ASP A 446 -6.83 -5.58 27.36
C ASP A 446 -6.62 -6.27 26.03
N TYR A 447 -5.35 -6.54 25.72
CA TYR A 447 -5.01 -7.23 24.48
C TYR A 447 -5.87 -8.50 24.39
N CYS A 448 -6.42 -8.76 23.21
CA CYS A 448 -7.28 -9.91 22.99
C CYS A 448 -6.63 -10.88 22.00
N ALA A 449 -6.08 -11.97 22.52
CA ALA A 449 -5.38 -12.95 21.69
C ALA A 449 -6.21 -13.63 20.60
N ASN A 450 -7.49 -13.88 20.88
CA ASN A 450 -8.34 -14.52 19.89
C ASN A 450 -9.15 -13.49 19.10
N PRO A 451 -8.76 -13.24 17.84
CA PRO A 451 -9.44 -12.27 16.98
C PRO A 451 -10.93 -12.54 16.81
N GLN A 452 -11.32 -13.80 16.96
CA GLN A 452 -12.73 -14.17 16.81
C GLN A 452 -13.58 -13.37 17.80
N LYS A 453 -13.01 -13.06 18.97
CA LYS A 453 -13.76 -12.31 19.98
C LYS A 453 -14.18 -10.92 19.53
N TYR A 454 -13.38 -10.26 18.68
CA TYR A 454 -13.76 -8.95 18.19
C TYR A 454 -14.17 -8.98 16.73
N ASN A 455 -14.73 -10.13 16.34
CA ASN A 455 -15.22 -10.38 15.00
C ASN A 455 -14.19 -10.24 13.89
N HIS A 456 -13.01 -10.79 14.13
CA HIS A 456 -11.91 -10.80 13.16
C HIS A 456 -11.50 -12.25 12.97
N ALA A 457 -12.49 -13.14 12.93
CA ALA A 457 -12.25 -14.56 12.76
C ALA A 457 -11.51 -14.80 11.45
N ILE A 458 -10.60 -15.77 11.46
CA ILE A 458 -9.83 -16.10 10.27
C ILE A 458 -10.42 -17.33 9.60
N THR A 459 -10.85 -17.16 8.36
CA THR A 459 -11.44 -18.26 7.60
C THR A 459 -10.64 -18.52 6.34
N PRO A 460 -10.78 -19.73 5.76
CA PRO A 460 -10.05 -20.08 4.54
C PRO A 460 -10.31 -19.10 3.41
N LEU A 461 -9.24 -18.66 2.75
CA LEU A 461 -9.37 -17.73 1.64
C LEU A 461 -10.17 -18.40 0.53
N LYS A 462 -11.20 -17.72 0.05
CA LYS A 462 -12.04 -18.25 -1.02
C LYS A 462 -11.56 -17.78 -2.38
N PRO A 463 -12.01 -18.44 -3.46
CA PRO A 463 -11.62 -18.05 -4.81
C PRO A 463 -12.10 -16.65 -5.13
N SER A 464 -11.46 -15.99 -6.09
CA SER A 464 -11.84 -14.66 -6.50
C SER A 464 -13.24 -14.74 -7.10
N ALA A 465 -14.08 -13.74 -6.81
CA ALA A 465 -15.42 -13.71 -7.38
C ALA A 465 -15.21 -13.39 -8.86
N PRO A 466 -16.27 -13.53 -9.68
CA PRO A 466 -16.16 -13.25 -11.12
C PRO A 466 -15.52 -11.90 -11.45
N LYS A 467 -14.83 -11.85 -12.58
CA LYS A 467 -14.18 -10.61 -13.01
C LYS A 467 -15.22 -9.51 -13.22
N ILE A 468 -14.86 -8.29 -12.81
CA ILE A 468 -15.73 -7.14 -12.96
C ILE A 468 -15.21 -6.32 -14.13
N PRO A 469 -16.06 -6.08 -15.15
CA PRO A 469 -15.68 -5.30 -16.33
C PRO A 469 -15.18 -3.91 -15.96
N ILE A 470 -14.23 -3.38 -16.72
CA ILE A 470 -13.69 -2.06 -16.44
C ILE A 470 -14.80 -1.02 -16.37
N GLU A 471 -15.81 -1.15 -17.22
CA GLU A 471 -16.92 -0.21 -17.23
C GLU A 471 -17.61 -0.18 -15.86
N VAL A 472 -17.83 -1.36 -15.29
CA VAL A 472 -18.47 -1.46 -13.99
C VAL A 472 -17.56 -0.91 -12.90
N LEU A 473 -16.26 -1.21 -13.01
CA LEU A 473 -15.30 -0.69 -12.04
C LEU A 473 -15.35 0.83 -12.05
N LEU A 474 -15.36 1.40 -13.24
CA LEU A 474 -15.38 2.85 -13.38
C LEU A 474 -16.70 3.52 -13.01
N GLU A 475 -17.73 2.73 -12.76
CA GLU A 475 -19.00 3.32 -12.36
C GLU A 475 -18.76 3.87 -10.95
N ALA A 476 -17.75 3.32 -10.28
CA ALA A 476 -17.41 3.75 -8.93
C ALA A 476 -16.70 5.10 -8.92
N THR A 477 -16.48 5.69 -10.10
CA THR A 477 -15.84 7.00 -10.15
C THR A 477 -16.89 8.05 -9.80
N LYS A 478 -18.15 7.64 -9.75
CA LYS A 478 -19.22 8.56 -9.43
C LYS A 478 -18.99 9.13 -8.04
N PRO A 479 -18.86 10.47 -7.93
CA PRO A 479 -18.63 11.08 -6.62
C PRO A 479 -19.71 10.71 -5.61
N THR A 480 -19.28 10.49 -4.37
CA THR A 480 -20.21 10.16 -3.30
C THR A 480 -19.83 11.00 -2.10
N LEU A 481 -20.78 11.21 -1.21
CA LEU A 481 -20.51 11.98 -0.01
C LEU A 481 -19.77 11.07 0.95
N PRO A 482 -18.72 11.58 1.61
CA PRO A 482 -17.99 10.73 2.57
C PRO A 482 -18.82 10.55 3.82
N PHE A 483 -18.50 9.53 4.63
CA PHE A 483 -19.23 9.33 5.87
C PHE A 483 -18.79 10.47 6.77
N PRO A 484 -19.67 10.94 7.65
CA PRO A 484 -19.31 12.03 8.57
C PRO A 484 -18.21 11.61 9.54
N TRP A 485 -17.29 12.53 9.80
CA TRP A 485 -16.16 12.28 10.70
C TRP A 485 -16.29 13.15 11.95
N LEU A 486 -15.92 12.61 13.10
CA LEU A 486 -15.96 13.40 14.33
C LEU A 486 -14.77 14.34 14.19
N PRO A 487 -14.80 15.49 14.87
CA PRO A 487 -13.70 16.45 14.79
C PRO A 487 -12.49 15.97 15.59
N GLU A 488 -12.75 15.09 16.55
CA GLU A 488 -11.71 14.52 17.39
C GLU A 488 -12.21 13.18 17.93
N THR A 489 -11.29 12.26 18.18
CA THR A 489 -11.71 10.96 18.70
C THR A 489 -12.26 11.06 20.11
N ASP A 490 -13.10 10.10 20.47
CA ASP A 490 -13.70 10.05 21.80
C ASP A 490 -12.83 9.16 22.69
N MET A 491 -11.71 8.70 22.12
CA MET A 491 -10.78 7.84 22.85
C MET A 491 -9.35 8.34 22.69
N LYS A 492 -9.08 9.54 23.22
CA LYS A 492 -7.75 10.12 23.13
C LYS A 492 -6.77 9.42 24.06
N VAL A 493 -5.51 9.34 23.65
CA VAL A 493 -4.49 8.67 24.44
C VAL A 493 -4.38 9.24 25.85
N ASP A 494 -4.68 10.52 26.00
CA ASP A 494 -4.64 11.17 27.30
C ASP A 494 -6.06 11.35 27.82
N GLY A 495 -6.48 12.60 27.94
CA GLY A 495 -7.83 12.89 28.42
C GLY A 495 -8.89 12.44 27.44
C2 BGC B . 5.13 5.09 3.79
C3 BGC B . 6.35 4.37 3.22
C4 BGC B . 6.11 2.85 3.19
C5 BGC B . 4.82 2.55 2.43
C6 BGC B . 4.45 1.07 2.46
C1 BGC B . 3.89 4.70 2.99
O1 BGC B . 2.77 5.28 3.55
O1 BGC B . 4.02 5.10 1.68
O2 BGC B . 5.34 6.50 3.70
O3 BGC B . 7.50 4.66 4.02
O4 BGC B . 7.21 2.21 2.52
O5 BGC B . 3.71 3.27 3.03
O6 BGC B . 4.17 0.62 3.78
C1 GLC B . 8.26 1.74 3.32
C2 GLC B . 9.40 1.26 2.42
C3 GLC B . 8.92 0.08 1.59
C4 GLC B . 8.47 -1.04 2.53
C5 GLC B . 7.39 -0.51 3.48
C6 GLC B . 7.00 -1.53 4.55
O2 GLC B . 9.81 2.32 1.57
O3 GLC B . 9.96 -0.38 0.74
O4 GLC B . 7.95 -2.12 1.77
O5 GLC B . 7.85 0.67 4.18
O6 GLC B . 8.13 -1.94 5.31
C1 GLC C . 6.28 13.71 2.25
C2 GLC C . 4.78 13.51 2.45
C3 GLC C . 4.47 12.04 2.67
C4 GLC C . 4.99 11.24 1.48
C5 GLC C . 6.50 11.49 1.34
C6 GLC C . 7.10 10.77 0.15
O1 GLC C . 6.97 13.36 3.39
O2 GLC C . 4.33 14.26 3.57
O3 GLC C . 3.06 11.84 2.80
O4 GLC C . 4.73 9.84 1.67
O5 GLC C . 6.76 12.90 1.16
O6 GLC C . 8.51 10.87 0.14
S SO4 D . -22.99 3.46 -6.46
O1 SO4 D . -22.38 4.68 -7.04
O2 SO4 D . -21.94 2.44 -6.28
O3 SO4 D . -24.01 2.94 -7.39
O4 SO4 D . -23.60 3.78 -5.16
S SO4 E . 18.02 4.08 -22.83
O1 SO4 E . 17.77 5.34 -23.57
O2 SO4 E . 17.48 4.19 -21.46
O3 SO4 E . 19.48 3.84 -22.76
O4 SO4 E . 17.36 2.97 -23.54
S SO4 F . -11.20 5.76 -36.86
O1 SO4 F . -11.05 7.21 -36.60
O2 SO4 F . -12.59 5.47 -37.27
O3 SO4 F . -10.89 5.00 -35.64
O4 SO4 F . -10.28 5.36 -37.94
S SO4 G . -5.69 21.48 13.84
O1 SO4 G . -4.65 22.26 14.55
O2 SO4 G . -6.67 20.97 14.82
O3 SO4 G . -5.07 20.36 13.13
O4 SO4 G . -6.38 22.36 12.87
S SO4 H . -24.14 9.93 -2.54
O1 SO4 H . -25.36 10.36 -1.82
O2 SO4 H . -23.65 11.03 -3.39
O3 SO4 H . -24.47 8.77 -3.39
O4 SO4 H . -23.10 9.56 -1.57
S SO4 I . -11.14 19.42 -26.17
O1 SO4 I . -11.78 18.47 -25.24
O2 SO4 I . -12.09 19.69 -27.28
O3 SO4 I . -9.91 18.84 -26.70
O4 SO4 I . -10.84 20.68 -25.47
S SO4 J . 13.73 15.00 -15.63
O1 SO4 J . 14.08 15.42 -14.26
O2 SO4 J . 12.28 15.09 -15.81
O3 SO4 J . 14.17 13.60 -15.84
O4 SO4 J . 14.40 15.88 -16.60
S SO4 K . 3.40 27.35 6.27
O1 SO4 K . 2.05 27.16 5.72
O2 SO4 K . 3.71 28.80 6.34
O3 SO4 K . 4.40 26.68 5.40
O4 SO4 K . 3.47 26.79 7.63
#